data_3I2W
#
_entry.id   3I2W
#
_cell.length_a   62.595
_cell.length_b   85.525
_cell.length_c   192.860
_cell.angle_alpha   90.00
_cell.angle_beta   90.00
_cell.angle_gamma   90.00
#
_symmetry.space_group_name_H-M   'P 21 21 21'
#
loop_
_entity.id
_entity.type
_entity.pdbx_description
1 polymer Syndapin
2 non-polymer GLYCEROL
3 non-polymer 'SODIUM ION'
4 water water
#
_entity_poly.entity_id   1
_entity_poly.type   'polypeptide(L)'
_entity_poly.pdbx_seq_one_letter_code
;SDSFWEPGNYKRTTKRIEDGYKLCNDLQQLIQERADIEKGYAKSLRTWSKKWGELIEKGPEYGTTEAAWKGVLTESERIS
DVH(MSE)KIKDNLCNDVNSQIKTWQKENYHHTL(MSE)QIKERKDLEDLFKKAQKPWAKLLAKVEKAKADYHSACKTER
SATNQERNANADSSLSPDQVKK(MSE)HDRVQKTKDQVQKCREKYEQAIAEITKYNSVYIED(MSE)TSVFEKCQTFEKT
RLQFFKEILFNVHSCLDLTKVQSLPQIYEEFSHTINNADQQKDLKWWSNNHGIN(MSE)A(MSE)NWPSFVEYT
;
_entity_poly.pdbx_strand_id   A,B
#
loop_
_chem_comp.id
_chem_comp.type
_chem_comp.name
_chem_comp.formula
GOL non-polymer GLYCEROL 'C3 H8 O3'
NA non-polymer 'SODIUM ION' 'Na 1'
#
# COMPACT_ATOMS: atom_id res chain seq x y z
N SER A 1 -27.50 25.32 41.85
CA SER A 1 -26.55 24.20 41.54
C SER A 1 -26.71 23.70 40.08
N ASP A 2 -25.87 22.76 39.69
CA ASP A 2 -26.07 22.13 38.41
C ASP A 2 -26.90 20.85 38.55
N SER A 3 -27.53 20.67 39.71
CA SER A 3 -28.37 19.51 39.92
C SER A 3 -29.55 19.46 38.99
N PHE A 4 -29.80 18.25 38.53
CA PHE A 4 -30.80 17.92 37.57
C PHE A 4 -32.13 18.31 38.10
N TRP A 5 -32.22 18.43 39.41
CA TRP A 5 -33.51 18.61 40.02
C TRP A 5 -34.02 20.06 40.04
N GLU A 6 -33.09 21.00 39.88
CA GLU A 6 -33.37 22.42 39.79
C GLU A 6 -33.99 22.69 38.46
N PRO A 7 -34.86 23.71 38.37
CA PRO A 7 -35.53 23.83 37.07
C PRO A 7 -34.57 24.18 35.95
N GLY A 8 -34.87 23.73 34.74
CA GLY A 8 -33.96 23.92 33.64
C GLY A 8 -33.10 22.71 33.36
N ASN A 9 -32.58 22.05 34.39
CA ASN A 9 -31.44 21.15 34.20
C ASN A 9 -31.77 19.78 33.63
N TYR A 10 -33.04 19.52 33.37
CA TYR A 10 -33.30 18.31 32.65
C TYR A 10 -32.69 18.37 31.27
N LYS A 11 -32.15 19.51 30.90
CA LYS A 11 -31.87 19.74 29.50
C LYS A 11 -30.68 18.98 29.04
N ARG A 12 -29.72 18.77 29.94
CA ARG A 12 -28.56 18.02 29.54
C ARG A 12 -29.00 16.62 29.15
N THR A 13 -29.98 16.07 29.83
CA THR A 13 -30.52 14.81 29.36
C THR A 13 -31.17 14.87 27.96
N THR A 14 -31.69 16.02 27.65
CA THR A 14 -32.35 16.35 26.43
C THR A 14 -31.33 16.57 25.28
N LYS A 15 -30.31 17.42 25.51
CA LYS A 15 -29.20 17.60 24.57
C LYS A 15 -28.70 16.18 24.22
N ARG A 16 -28.68 15.26 25.20
CA ARG A 16 -28.16 13.94 24.93
C ARG A 16 -28.94 13.25 23.83
N ILE A 17 -30.24 13.45 23.72
CA ILE A 17 -30.98 12.80 22.63
C ILE A 17 -30.41 13.23 21.29
N GLU A 18 -30.24 14.52 21.12
CA GLU A 18 -29.82 14.99 19.85
C GLU A 18 -28.37 14.66 19.57
N ASP A 19 -27.49 14.78 20.57
CA ASP A 19 -26.14 14.19 20.56
C ASP A 19 -26.17 12.70 20.12
N GLY A 20 -27.09 11.89 20.59
CA GLY A 20 -27.24 10.58 19.98
C GLY A 20 -27.22 10.58 18.46
N TYR A 21 -28.13 11.33 17.87
CA TYR A 21 -28.28 11.39 16.43
C TYR A 21 -26.99 11.92 15.78
N LYS A 22 -26.44 12.97 16.36
CA LYS A 22 -25.14 13.47 15.95
C LYS A 22 -24.00 12.41 15.96
N LEU A 23 -23.99 11.54 16.96
CA LEU A 23 -22.96 10.56 17.02
C LEU A 23 -23.12 9.59 15.85
N CYS A 24 -24.33 9.26 15.40
CA CYS A 24 -24.44 8.35 14.28
C CYS A 24 -23.76 8.95 13.06
N ASN A 25 -23.86 10.27 12.90
CA ASN A 25 -23.27 10.87 11.75
C ASN A 25 -21.75 10.79 11.90
N ASP A 26 -21.25 11.16 13.07
CA ASP A 26 -19.84 10.96 13.37
C ASP A 26 -19.36 9.51 13.16
N LEU A 27 -20.14 8.54 13.59
CA LEU A 27 -19.66 7.22 13.43
C LEU A 27 -19.53 6.92 11.96
N GLN A 28 -20.53 7.25 11.15
CA GLN A 28 -20.39 6.95 9.75
C GLN A 28 -19.24 7.69 9.16
N GLN A 29 -18.99 8.92 9.56
CA GLN A 29 -17.85 9.64 8.99
C GLN A 29 -16.53 8.92 9.34
N LEU A 30 -16.33 8.56 10.61
CA LEU A 30 -15.22 7.74 11.03
C LEU A 30 -14.97 6.55 10.09
N ILE A 31 -15.93 5.65 10.01
CA ILE A 31 -15.83 4.51 9.12
C ILE A 31 -15.55 4.93 7.67
N GLN A 32 -16.37 5.79 7.10
CA GLN A 32 -16.03 6.32 5.80
C GLN A 32 -14.50 6.69 5.67
N GLU A 33 -13.98 7.44 6.62
CA GLU A 33 -12.60 7.80 6.57
C GLU A 33 -11.66 6.58 6.60
N ARG A 34 -12.01 5.50 7.30
CA ARG A 34 -11.11 4.38 7.41
C ARG A 34 -11.15 3.70 6.06
N ALA A 35 -12.37 3.39 5.62
CA ALA A 35 -12.55 2.86 4.29
C ALA A 35 -11.76 3.63 3.25
N ASP A 36 -11.63 4.96 3.38
CA ASP A 36 -10.97 5.70 2.30
C ASP A 36 -9.47 5.43 2.25
N ILE A 37 -8.89 5.32 3.45
CA ILE A 37 -7.55 4.90 3.70
C ILE A 37 -7.31 3.50 3.18
N GLU A 38 -8.26 2.61 3.32
CA GLU A 38 -8.01 1.24 2.87
C GLU A 38 -7.93 1.30 1.36
N LYS A 39 -8.83 2.10 0.80
CA LYS A 39 -8.91 2.24 -0.62
C LYS A 39 -7.62 2.89 -1.08
N GLY A 40 -6.91 3.55 -0.20
CA GLY A 40 -5.75 4.29 -0.66
C GLY A 40 -4.63 3.31 -0.84
N TYR A 41 -4.49 2.42 0.14
CA TYR A 41 -3.52 1.37 0.14
C TYR A 41 -3.70 0.52 -1.09
N ALA A 42 -4.93 0.19 -1.41
CA ALA A 42 -5.20 -0.72 -2.48
C ALA A 42 -4.91 0.00 -3.77
N LYS A 43 -5.18 1.29 -3.85
CA LYS A 43 -4.98 1.90 -5.15
C LYS A 43 -3.47 1.95 -5.39
N SER A 44 -2.75 2.42 -4.40
CA SER A 44 -1.30 2.43 -4.38
C SER A 44 -0.64 1.11 -4.78
N LEU A 45 -1.12 0.03 -4.19
CA LEU A 45 -0.58 -1.22 -4.51
C LEU A 45 -0.68 -1.47 -6.00
N ARG A 46 -1.81 -1.15 -6.62
CA ARG A 46 -2.03 -1.46 -8.02
C ARG A 46 -1.27 -0.57 -8.96
N THR A 47 -1.08 0.67 -8.60
CA THR A 47 -0.29 1.59 -9.39
C THR A 47 1.12 1.01 -9.42
N TRP A 48 1.56 0.54 -8.27
CA TRP A 48 2.91 0.04 -8.12
C TRP A 48 3.01 -1.23 -8.91
N SER A 49 2.00 -2.06 -8.82
CA SER A 49 2.03 -3.27 -9.53
C SER A 49 2.10 -3.02 -11.05
N LYS A 50 1.39 -2.04 -11.56
CA LYS A 50 1.29 -1.85 -12.99
C LYS A 50 2.59 -1.30 -13.51
N LYS A 51 3.16 -0.37 -12.74
CA LYS A 51 4.44 0.26 -13.02
C LYS A 51 5.54 -0.75 -13.20
N TRP A 52 5.76 -1.60 -12.18
CA TRP A 52 6.86 -2.58 -12.18
C TRP A 52 6.56 -3.72 -13.09
N GLY A 53 5.30 -3.97 -13.38
CA GLY A 53 5.02 -5.04 -14.27
C GLY A 53 5.63 -4.66 -15.60
N GLU A 54 5.49 -3.40 -15.98
CA GLU A 54 6.05 -2.95 -17.20
C GLU A 54 7.54 -2.87 -17.18
N LEU A 55 8.11 -2.24 -16.15
CA LEU A 55 9.53 -2.07 -16.05
C LEU A 55 10.28 -3.40 -16.00
N ILE A 56 9.64 -4.45 -15.49
CA ILE A 56 10.26 -5.75 -15.50
C ILE A 56 10.27 -6.41 -16.87
N GLU A 57 9.12 -6.60 -17.52
CA GLU A 57 9.10 -7.08 -18.89
C GLU A 57 10.16 -6.37 -19.71
N LYS A 58 10.12 -5.03 -19.69
CA LYS A 58 11.07 -4.26 -20.45
C LYS A 58 12.51 -4.44 -20.09
N GLY A 59 12.80 -4.71 -18.82
CA GLY A 59 14.18 -4.80 -18.37
C GLY A 59 14.77 -6.13 -18.76
N PRO A 60 16.05 -6.30 -18.54
CA PRO A 60 16.82 -7.44 -18.92
C PRO A 60 16.50 -8.74 -18.26
N GLU A 61 15.82 -8.78 -17.12
CA GLU A 61 15.64 -10.07 -16.47
C GLU A 61 14.76 -10.96 -17.31
N TYR A 62 15.12 -12.21 -17.53
CA TYR A 62 14.23 -13.06 -18.33
C TYR A 62 14.03 -14.40 -17.61
N GLY A 63 13.28 -15.30 -18.23
CA GLY A 63 13.13 -16.64 -17.76
C GLY A 63 12.17 -16.81 -16.62
N THR A 64 12.44 -17.85 -15.83
CA THR A 64 11.76 -18.13 -14.62
C THR A 64 12.22 -17.15 -13.55
N THR A 65 13.47 -16.68 -13.58
CA THR A 65 13.81 -15.67 -12.59
C THR A 65 12.88 -14.48 -12.72
N GLU A 66 12.65 -14.09 -13.97
CA GLU A 66 11.74 -13.02 -14.25
C GLU A 66 10.35 -13.33 -13.75
N ALA A 67 9.89 -14.56 -13.89
CA ALA A 67 8.56 -14.91 -13.39
C ALA A 67 8.51 -14.80 -11.85
N ALA A 68 9.61 -15.09 -11.18
CA ALA A 68 9.65 -14.90 -9.77
C ALA A 68 9.56 -13.43 -9.42
N TRP A 69 10.32 -12.53 -10.04
CA TRP A 69 10.14 -11.14 -9.64
C TRP A 69 8.66 -10.80 -9.72
N LYS A 70 7.97 -11.34 -10.71
CA LYS A 70 6.55 -11.00 -10.86
C LYS A 70 5.65 -11.56 -9.77
N GLY A 71 6.13 -12.52 -9.00
CA GLY A 71 5.43 -12.96 -7.78
C GLY A 71 4.91 -11.81 -6.94
N VAL A 72 5.80 -10.92 -6.52
CA VAL A 72 5.47 -9.70 -5.76
C VAL A 72 4.32 -8.96 -6.40
N LEU A 73 4.40 -8.64 -7.67
CA LEU A 73 3.31 -7.95 -8.28
C LEU A 73 1.95 -8.63 -8.06
N THR A 74 1.92 -9.94 -8.15
CA THR A 74 0.68 -10.64 -7.91
C THR A 74 0.26 -10.56 -6.46
N GLU A 75 1.19 -10.66 -5.52
CA GLU A 75 0.76 -10.69 -4.15
C GLU A 75 0.16 -9.32 -3.87
N SER A 76 0.72 -8.34 -4.56
CA SER A 76 0.40 -7.00 -4.22
C SER A 76 -1.00 -6.85 -4.70
N GLU A 77 -1.29 -7.48 -5.82
CA GLU A 77 -2.61 -7.33 -6.37
C GLU A 77 -3.60 -8.01 -5.49
N ARG A 78 -3.22 -9.13 -4.93
CA ARG A 78 -4.16 -9.79 -4.13
C ARG A 78 -4.45 -8.99 -2.83
N ILE A 79 -3.42 -8.42 -2.20
CA ILE A 79 -3.60 -7.66 -1.01
C ILE A 79 -4.53 -6.50 -1.32
N SER A 80 -4.29 -5.79 -2.42
CA SER A 80 -5.21 -4.74 -2.75
C SER A 80 -6.66 -5.24 -2.76
N ASP A 81 -6.92 -6.45 -3.22
CA ASP A 81 -8.30 -6.87 -3.27
C ASP A 81 -8.82 -7.12 -1.87
N VAL A 82 -7.96 -7.53 -0.95
CA VAL A 82 -8.41 -7.73 0.40
C VAL A 82 -8.88 -6.38 1.00
N HIS A 83 -8.15 -5.31 0.73
CA HIS A 83 -8.47 -4.06 1.32
C HIS A 83 -9.64 -3.46 0.61
N MSE A 84 -9.88 -3.88 -0.61
CA MSE A 84 -10.89 -3.23 -1.37
C MSE A 84 -12.19 -3.79 -0.80
O MSE A 84 -13.18 -3.07 -0.58
CB MSE A 84 -10.66 -3.54 -2.85
CG MSE A 84 -11.13 -2.44 -3.82
SE MSE A 84 -10.74 -0.51 -3.46
CE MSE A 84 -9.23 -0.28 -4.67
N LYS A 85 -12.18 -5.07 -0.49
CA LYS A 85 -13.30 -5.66 0.19
C LYS A 85 -13.47 -5.02 1.60
N ILE A 86 -12.44 -4.44 2.18
CA ILE A 86 -12.62 -3.88 3.47
C ILE A 86 -13.32 -2.52 3.29
N LYS A 87 -12.81 -1.69 2.41
CA LYS A 87 -13.58 -0.55 2.01
C LYS A 87 -15.07 -0.89 1.80
N ASP A 88 -15.37 -1.87 0.95
CA ASP A 88 -16.75 -2.14 0.56
C ASP A 88 -17.54 -2.61 1.73
N ASN A 89 -17.04 -3.55 2.49
CA ASN A 89 -17.82 -3.96 3.62
C ASN A 89 -18.11 -2.84 4.60
N LEU A 90 -17.11 -2.05 4.91
CA LEU A 90 -17.34 -0.96 5.77
C LEU A 90 -18.46 -0.09 5.23
N CYS A 91 -18.34 0.34 3.97
CA CYS A 91 -19.29 1.28 3.38
C CYS A 91 -20.59 0.63 3.10
N ASN A 92 -20.60 -0.32 2.20
CA ASN A 92 -21.89 -0.75 1.70
C ASN A 92 -22.63 -1.60 2.72
N ASP A 93 -22.05 -1.74 3.88
CA ASP A 93 -22.62 -2.69 4.80
C ASP A 93 -22.75 -2.10 6.21
N VAL A 94 -21.64 -1.84 6.83
CA VAL A 94 -21.70 -1.25 8.10
C VAL A 94 -22.33 0.14 8.03
N ASN A 95 -21.90 1.01 7.13
CA ASN A 95 -22.43 2.37 7.17
C ASN A 95 -23.90 2.43 6.85
N SER A 96 -24.34 1.54 6.00
CA SER A 96 -25.74 1.63 5.68
C SER A 96 -26.57 1.06 6.77
N GLN A 97 -26.02 0.25 7.63
CA GLN A 97 -26.92 -0.24 8.60
C GLN A 97 -27.06 0.77 9.72
N ILE A 98 -26.08 1.64 9.86
CA ILE A 98 -26.21 2.78 10.74
C ILE A 98 -27.23 3.78 10.24
N LYS A 99 -27.03 4.25 9.02
CA LYS A 99 -27.98 5.03 8.27
C LYS A 99 -29.41 4.52 8.43
N THR A 100 -29.59 3.21 8.30
CA THR A 100 -30.93 2.67 8.49
C THR A 100 -31.41 2.86 9.91
N TRP A 101 -30.59 2.47 10.88
CA TRP A 101 -30.97 2.58 12.29
C TRP A 101 -31.24 4.04 12.60
N GLN A 102 -30.40 4.95 12.12
CA GLN A 102 -30.63 6.34 12.34
C GLN A 102 -32.04 6.74 11.92
N LYS A 103 -32.47 6.27 10.78
CA LYS A 103 -33.74 6.72 10.23
C LYS A 103 -34.90 5.91 10.88
N GLU A 104 -34.61 4.83 11.55
CA GLU A 104 -35.69 4.14 12.19
C GLU A 104 -35.95 4.61 13.59
N ASN A 105 -34.96 5.27 14.17
CA ASN A 105 -35.09 5.66 15.54
C ASN A 105 -35.08 7.16 15.75
N TYR A 106 -34.82 7.92 14.70
CA TYR A 106 -35.05 9.34 14.81
C TYR A 106 -36.03 9.85 13.74
N HIS A 107 -36.84 10.87 14.07
CA HIS A 107 -37.78 11.51 13.11
C HIS A 107 -37.76 12.98 13.40
N HIS A 108 -38.05 13.83 12.41
CA HIS A 108 -37.99 15.29 12.60
C HIS A 108 -39.36 15.96 12.46
N THR A 109 -39.66 16.94 13.32
CA THR A 109 -40.68 17.90 13.02
C THR A 109 -39.95 19.09 12.48
N LEU A 110 -40.33 19.46 11.26
CA LEU A 110 -39.64 20.56 10.61
C LEU A 110 -38.15 20.28 10.86
N MSE A 111 -37.39 21.22 11.39
CA MSE A 111 -35.96 21.00 11.35
C MSE A 111 -35.42 20.26 12.61
O MSE A 111 -34.25 19.83 12.65
CB MSE A 111 -35.25 22.30 11.05
CG MSE A 111 -35.85 22.96 9.82
SE MSE A 111 -35.25 22.31 8.27
CE MSE A 111 -33.55 22.84 8.52
N GLN A 112 -36.32 20.08 13.59
CA GLN A 112 -36.01 19.64 14.92
C GLN A 112 -36.25 18.16 14.97
N ILE A 113 -35.53 17.48 15.83
CA ILE A 113 -35.72 16.08 16.09
C ILE A 113 -36.89 15.83 17.02
N LYS A 114 -37.87 15.06 16.55
CA LYS A 114 -39.10 14.88 17.31
C LYS A 114 -38.93 14.22 18.69
N GLU A 115 -38.06 13.22 18.77
CA GLU A 115 -37.98 12.49 20.00
C GLU A 115 -37.45 13.42 21.04
N ARG A 116 -36.70 14.42 20.63
CA ARG A 116 -36.16 15.33 21.62
C ARG A 116 -37.20 16.34 22.10
N LYS A 117 -37.99 16.89 21.17
CA LYS A 117 -39.05 17.80 21.54
C LYS A 117 -40.06 17.11 22.40
N ASP A 118 -40.48 15.91 22.03
CA ASP A 118 -41.43 15.20 22.85
C ASP A 118 -40.99 15.15 24.27
N LEU A 119 -39.78 14.67 24.52
CA LEU A 119 -39.35 14.46 25.87
C LEU A 119 -39.03 15.80 26.54
N GLU A 120 -38.66 16.83 25.81
CA GLU A 120 -38.51 18.16 26.42
C GLU A 120 -39.89 18.62 26.89
N ASP A 121 -40.93 18.24 26.16
CA ASP A 121 -42.29 18.60 26.51
C ASP A 121 -42.70 17.92 27.74
N LEU A 122 -42.50 16.61 27.80
CA LEU A 122 -42.89 15.90 28.98
C LEU A 122 -42.11 16.39 30.21
N PHE A 123 -40.86 16.76 30.05
CA PHE A 123 -40.16 17.21 31.21
C PHE A 123 -40.83 18.40 31.86
N LYS A 124 -41.11 19.39 31.02
CA LYS A 124 -41.60 20.71 31.36
C LYS A 124 -42.94 20.57 32.06
N LYS A 125 -43.77 19.68 31.50
CA LYS A 125 -45.09 19.38 32.04
C LYS A 125 -44.88 18.99 33.44
N ALA A 126 -44.21 17.87 33.68
CA ALA A 126 -43.86 17.47 35.05
C ALA A 126 -43.13 18.57 35.81
N GLN A 127 -42.20 19.28 35.21
CA GLN A 127 -41.56 20.24 36.07
C GLN A 127 -42.50 21.39 36.45
N LYS A 128 -43.50 21.73 35.64
CA LYS A 128 -44.28 22.99 35.83
C LYS A 128 -45.02 23.23 37.16
N PRO A 129 -45.92 22.30 37.55
CA PRO A 129 -46.56 22.50 38.87
C PRO A 129 -45.53 22.95 39.90
N TRP A 130 -44.49 22.14 40.10
CA TRP A 130 -43.49 22.32 41.13
C TRP A 130 -42.77 23.65 41.03
N ALA A 131 -42.58 24.10 39.80
CA ALA A 131 -41.77 25.29 39.51
C ALA A 131 -42.52 26.51 40.00
N LYS A 132 -43.86 26.34 40.03
CA LYS A 132 -44.83 27.35 40.37
C LYS A 132 -44.80 27.45 41.85
N LEU A 133 -44.86 26.32 42.55
CA LEU A 133 -44.66 26.34 44.00
C LEU A 133 -43.31 26.93 44.35
N LEU A 134 -42.32 26.78 43.49
CA LEU A 134 -41.00 27.22 43.87
C LEU A 134 -40.99 28.71 43.71
N ALA A 135 -41.82 29.18 42.78
CA ALA A 135 -41.95 30.61 42.46
C ALA A 135 -42.59 31.33 43.65
N LYS A 136 -43.69 30.75 44.15
CA LYS A 136 -44.23 31.11 45.44
C LYS A 136 -43.14 31.10 46.49
N VAL A 137 -42.60 29.97 46.87
CA VAL A 137 -41.57 30.08 47.88
C VAL A 137 -40.68 31.34 47.66
N GLU A 138 -40.29 31.60 46.41
CA GLU A 138 -39.30 32.64 46.16
C GLU A 138 -39.77 34.05 46.48
N LYS A 139 -41.02 34.34 46.13
CA LYS A 139 -41.74 35.57 46.47
C LYS A 139 -41.80 35.67 48.02
N ALA A 140 -42.58 34.80 48.68
CA ALA A 140 -42.69 34.84 50.14
C ALA A 140 -41.35 34.83 50.92
N LYS A 141 -40.28 34.34 50.31
CA LYS A 141 -38.97 34.51 50.92
C LYS A 141 -38.54 35.95 50.82
N ALA A 142 -38.79 36.60 49.68
CA ALA A 142 -38.40 38.01 49.49
C ALA A 142 -39.29 38.99 50.31
N ASP A 143 -40.60 38.76 50.32
CA ASP A 143 -41.50 39.46 51.24
C ASP A 143 -40.96 39.43 52.65
N TYR A 144 -40.73 38.23 53.17
CA TYR A 144 -40.27 38.10 54.54
C TYR A 144 -38.93 38.79 54.74
N HIS A 145 -38.03 38.65 53.77
CA HIS A 145 -36.68 39.22 53.88
C HIS A 145 -36.63 40.76 53.83
N SER A 146 -37.72 41.39 53.38
CA SER A 146 -37.82 42.84 53.42
C SER A 146 -38.92 43.36 54.40
N ALA A 147 -39.51 42.44 55.16
CA ALA A 147 -40.21 42.75 56.42
C ALA A 147 -39.20 42.64 57.57
N CYS A 148 -38.08 41.99 57.27
CA CYS A 148 -36.85 42.07 58.06
C CYS A 148 -36.27 43.46 57.96
N LYS A 149 -36.14 43.94 56.72
CA LYS A 149 -35.54 45.25 56.43
C LYS A 149 -36.43 46.42 56.85
N THR A 150 -37.75 46.28 56.65
CA THR A 150 -38.71 47.34 57.05
C THR A 150 -39.23 47.24 58.51
N GLU A 151 -38.55 46.45 59.34
CA GLU A 151 -38.80 46.44 60.79
C GLU A 151 -37.50 46.50 61.58
N ARG A 152 -36.38 46.66 60.86
CA ARG A 152 -35.07 46.90 61.45
C ARG A 152 -34.78 48.38 61.61
N SER A 153 -35.23 49.20 60.65
CA SER A 153 -35.13 50.65 60.76
C SER A 153 -36.38 51.29 61.40
N ALA A 154 -37.34 50.44 61.77
CA ALA A 154 -38.48 50.83 62.61
C ALA A 154 -38.17 50.55 64.09
N THR A 155 -36.95 50.05 64.33
CA THR A 155 -36.40 49.73 65.66
C THR A 155 -34.94 50.17 65.71
N HIS A 176 -45.23 56.43 65.77
CA HIS A 176 -45.40 55.13 66.42
C HIS A 176 -46.45 54.25 65.71
N ASP A 177 -46.89 54.70 64.54
CA ASP A 177 -47.83 53.96 63.67
C ASP A 177 -47.13 52.89 62.82
N ARG A 178 -45.83 53.05 62.62
CA ARG A 178 -45.03 52.12 61.81
C ARG A 178 -44.17 51.21 62.71
N VAL A 179 -44.69 50.85 63.89
CA VAL A 179 -43.99 50.00 64.87
C VAL A 179 -44.67 48.63 65.11
N GLN A 180 -46.01 48.61 65.14
CA GLN A 180 -46.77 47.38 65.41
C GLN A 180 -47.52 46.75 64.21
N LYS A 181 -47.78 47.54 63.17
CA LYS A 181 -48.33 47.01 61.91
C LYS A 181 -47.24 46.32 61.06
N THR A 182 -45.98 46.52 61.44
CA THR A 182 -44.83 45.79 60.84
C THR A 182 -44.27 44.66 61.75
N LYS A 183 -44.91 44.46 62.91
CA LYS A 183 -44.77 43.24 63.72
C LYS A 183 -45.95 42.34 63.40
N ASP A 184 -46.97 42.96 62.83
CA ASP A 184 -48.08 42.31 62.17
C ASP A 184 -47.62 41.79 60.80
N GLN A 185 -46.67 42.52 60.21
CA GLN A 185 -46.09 42.22 58.89
C GLN A 185 -45.09 41.05 58.96
N VAL A 186 -44.28 41.00 60.02
CA VAL A 186 -43.39 39.85 60.29
C VAL A 186 -44.17 38.64 60.84
N GLN A 187 -45.43 38.88 61.20
CA GLN A 187 -46.36 37.80 61.54
C GLN A 187 -46.96 37.17 60.27
N LYS A 188 -47.34 38.01 59.29
CA LYS A 188 -48.01 37.52 58.08
C LYS A 188 -47.06 37.02 56.97
N CYS A 189 -45.78 37.42 57.05
CA CYS A 189 -44.73 36.92 56.14
C CYS A 189 -44.20 35.56 56.58
N ARG A 190 -43.50 35.54 57.72
CA ARG A 190 -43.02 34.32 58.34
C ARG A 190 -44.14 33.29 58.39
N GLU A 191 -45.40 33.74 58.39
CA GLU A 191 -46.54 32.82 58.31
C GLU A 191 -46.66 32.24 56.92
N LYS A 192 -46.65 33.11 55.92
CA LYS A 192 -46.87 32.70 54.53
C LYS A 192 -45.71 31.84 54.05
N TYR A 193 -44.49 32.38 54.15
CA TYR A 193 -43.22 31.67 53.88
C TYR A 193 -43.27 30.23 54.34
N GLU A 194 -43.79 30.01 55.54
CA GLU A 194 -43.78 28.71 56.17
C GLU A 194 -44.94 27.85 55.73
N GLN A 195 -45.56 28.19 54.63
CA GLN A 195 -46.76 27.49 54.24
C GLN A 195 -46.62 27.18 52.78
N ALA A 196 -45.87 28.04 52.11
CA ALA A 196 -45.45 27.83 50.77
C ALA A 196 -44.48 26.62 50.79
N ILE A 197 -43.50 26.75 51.68
CA ILE A 197 -42.67 25.66 52.04
C ILE A 197 -43.45 24.38 52.36
N ALA A 198 -44.40 24.42 53.29
CA ALA A 198 -45.10 23.19 53.61
C ALA A 198 -45.75 22.60 52.36
N GLU A 199 -46.07 23.49 51.40
CA GLU A 199 -46.89 23.09 50.28
C GLU A 199 -46.06 22.40 49.21
N ILE A 200 -44.94 23.03 48.90
CA ILE A 200 -43.97 22.47 48.01
C ILE A 200 -43.53 21.19 48.66
N THR A 201 -43.06 21.25 49.90
CA THR A 201 -42.60 20.02 50.55
C THR A 201 -43.57 18.88 50.34
N LYS A 202 -44.86 19.19 50.20
CA LYS A 202 -45.85 18.15 50.01
C LYS A 202 -45.90 17.67 48.57
N TYR A 203 -45.47 18.49 47.61
CA TYR A 203 -45.52 18.13 46.21
C TYR A 203 -44.29 17.30 45.78
N ASN A 204 -43.12 17.54 46.43
CA ASN A 204 -41.90 16.85 46.13
C ASN A 204 -42.09 15.42 45.74
N SER A 205 -42.61 14.61 46.67
CA SER A 205 -42.92 13.22 46.27
C SER A 205 -43.46 13.10 44.81
N VAL A 206 -44.36 14.00 44.42
CA VAL A 206 -45.04 13.84 43.12
C VAL A 206 -44.06 14.24 42.04
N TYR A 207 -43.41 15.37 42.23
CA TYR A 207 -42.44 15.81 41.30
C TYR A 207 -41.34 14.69 41.17
N ILE A 208 -40.66 14.34 42.25
CA ILE A 208 -39.82 13.21 42.17
C ILE A 208 -40.40 12.12 41.28
N GLU A 209 -41.65 11.77 41.46
CA GLU A 209 -42.15 10.62 40.77
C GLU A 209 -42.23 10.81 39.26
N ASP A 210 -42.54 12.04 38.83
CA ASP A 210 -42.79 12.32 37.44
C ASP A 210 -41.54 12.68 36.65
N MSE A 211 -40.64 13.48 37.21
CA MSE A 211 -39.35 13.57 36.59
C MSE A 211 -38.77 12.14 36.51
O MSE A 211 -38.20 11.74 35.48
CB MSE A 211 -38.47 14.50 37.37
CG MSE A 211 -39.03 15.92 37.42
SE MSE A 211 -39.14 16.91 35.92
CE MSE A 211 -37.49 17.55 35.82
N THR A 212 -38.96 11.32 37.54
CA THR A 212 -38.40 10.00 37.48
C THR A 212 -38.98 9.33 36.25
N SER A 213 -40.25 9.51 35.98
CA SER A 213 -40.78 8.73 34.94
C SER A 213 -40.24 9.18 33.55
N VAL A 214 -40.14 10.47 33.35
CA VAL A 214 -39.65 10.98 32.08
C VAL A 214 -38.18 10.64 31.87
N PHE A 215 -37.39 10.64 32.95
CA PHE A 215 -35.98 10.46 32.83
C PHE A 215 -35.81 9.02 32.44
N GLU A 216 -36.65 8.13 32.94
CA GLU A 216 -36.50 6.79 32.53
C GLU A 216 -36.78 6.63 31.04
N LYS A 217 -37.62 7.43 30.46
CA LYS A 217 -37.85 7.23 29.06
C LYS A 217 -36.60 7.60 28.26
N CYS A 218 -36.01 8.74 28.61
CA CYS A 218 -34.66 9.08 28.21
C CYS A 218 -33.59 8.01 28.43
N GLN A 219 -33.62 7.29 29.52
CA GLN A 219 -32.61 6.30 29.67
C GLN A 219 -32.89 5.09 28.77
N THR A 220 -34.14 4.68 28.64
CA THR A 220 -34.51 3.54 27.83
C THR A 220 -34.16 3.70 26.36
N PHE A 221 -34.35 4.94 25.91
CA PHE A 221 -34.08 5.23 24.55
C PHE A 221 -32.58 5.23 24.43
N GLU A 222 -31.86 5.97 25.29
CA GLU A 222 -30.42 6.05 25.15
C GLU A 222 -29.77 4.69 25.15
N LYS A 223 -30.34 3.80 25.95
CA LYS A 223 -29.87 2.43 26.00
C LYS A 223 -29.93 1.77 24.66
N THR A 224 -30.91 2.11 23.85
CA THR A 224 -31.09 1.46 22.57
C THR A 224 -29.87 1.67 21.70
N ARG A 225 -29.46 2.94 21.58
CA ARG A 225 -28.28 3.41 20.90
C ARG A 225 -26.99 2.79 21.43
N LEU A 226 -26.85 2.67 22.74
CA LEU A 226 -25.60 2.16 23.31
C LEU A 226 -25.46 0.70 22.94
N GLN A 227 -26.58 0.03 22.92
CA GLN A 227 -26.55 -1.34 22.54
C GLN A 227 -26.29 -1.44 21.03
N PHE A 228 -26.69 -0.44 20.28
CA PHE A 228 -26.61 -0.55 18.87
C PHE A 228 -25.17 -0.27 18.46
N PHE A 229 -24.56 0.73 19.07
CA PHE A 229 -23.17 1.03 18.82
C PHE A 229 -22.25 -0.16 19.14
N LYS A 230 -22.56 -0.89 20.21
CA LYS A 230 -21.79 -2.09 20.52
C LYS A 230 -21.91 -3.02 19.34
N GLU A 231 -23.11 -3.24 18.84
CA GLU A 231 -23.22 -4.13 17.74
C GLU A 231 -22.42 -3.67 16.50
N ILE A 232 -22.52 -2.41 16.17
CA ILE A 232 -21.85 -1.87 15.02
C ILE A 232 -20.32 -1.97 15.15
N LEU A 233 -19.77 -1.63 16.30
CA LEU A 233 -18.38 -1.81 16.55
C LEU A 233 -17.96 -3.30 16.35
N PHE A 234 -18.77 -4.23 16.78
CA PHE A 234 -18.46 -5.59 16.48
C PHE A 234 -18.39 -5.82 14.96
N ASN A 235 -19.19 -5.09 14.21
CA ASN A 235 -19.23 -5.40 12.82
C ASN A 235 -18.00 -4.81 12.21
N VAL A 236 -17.58 -3.67 12.71
CA VAL A 236 -16.47 -2.97 12.18
C VAL A 236 -15.33 -3.93 12.37
N HIS A 237 -15.30 -4.53 13.55
CA HIS A 237 -14.25 -5.45 13.92
C HIS A 237 -14.23 -6.59 12.93
N SER A 238 -15.35 -7.28 12.70
CA SER A 238 -15.34 -8.40 11.73
C SER A 238 -14.86 -7.96 10.38
N CYS A 239 -14.91 -6.67 10.13
CA CYS A 239 -14.64 -6.19 8.81
C CYS A 239 -13.18 -6.06 8.66
N LEU A 240 -12.51 -5.80 9.76
CA LEU A 240 -11.15 -5.31 9.73
C LEU A 240 -10.22 -6.47 10.14
N ASP A 241 -10.80 -7.60 10.52
CA ASP A 241 -10.07 -8.59 11.25
C ASP A 241 -9.38 -9.48 10.29
N LEU A 242 -8.10 -9.17 10.12
CA LEU A 242 -7.28 -9.88 9.18
C LEU A 242 -7.26 -11.38 9.43
N THR A 243 -7.28 -11.84 10.69
CA THR A 243 -7.15 -13.29 11.03
C THR A 243 -8.28 -14.11 10.47
N LYS A 244 -9.29 -13.44 9.94
CA LYS A 244 -10.46 -14.11 9.45
C LYS A 244 -10.64 -14.01 7.92
N VAL A 245 -9.71 -13.34 7.25
CA VAL A 245 -9.60 -13.38 5.80
C VAL A 245 -9.04 -14.73 5.32
N GLN A 246 -9.94 -15.57 4.81
CA GLN A 246 -9.62 -16.91 4.37
C GLN A 246 -8.47 -16.96 3.39
N SER A 247 -8.59 -16.20 2.30
CA SER A 247 -7.63 -16.21 1.19
C SER A 247 -6.15 -15.93 1.47
N LEU A 248 -5.79 -15.61 2.69
CA LEU A 248 -4.59 -14.82 2.92
C LEU A 248 -3.37 -15.72 3.16
N PRO A 249 -3.57 -16.82 3.91
CA PRO A 249 -2.55 -17.84 4.01
C PRO A 249 -2.15 -18.30 2.61
N GLN A 250 -3.10 -18.29 1.71
CA GLN A 250 -2.96 -18.90 0.45
C GLN A 250 -2.26 -17.98 -0.55
N ILE A 251 -2.55 -16.69 -0.44
CA ILE A 251 -1.82 -15.68 -1.18
C ILE A 251 -0.32 -15.88 -1.03
N TYR A 252 0.11 -16.14 0.19
CA TYR A 252 1.52 -16.23 0.44
C TYR A 252 2.14 -17.56 0.10
N GLU A 253 1.33 -18.59 -0.08
CA GLU A 253 1.94 -19.73 -0.68
C GLU A 253 2.01 -19.68 -2.18
N GLU A 254 0.97 -19.20 -2.83
CA GLU A 254 0.97 -18.94 -4.25
C GLU A 254 2.24 -18.14 -4.55
N PHE A 255 2.60 -17.21 -3.69
CA PHE A 255 3.75 -16.34 -3.91
C PHE A 255 4.99 -17.21 -3.74
N SER A 256 5.13 -17.92 -2.64
CA SER A 256 6.39 -18.59 -2.50
C SER A 256 6.57 -19.67 -3.57
N HIS A 257 5.51 -20.31 -4.07
CA HIS A 257 5.74 -21.30 -5.13
C HIS A 257 6.30 -20.61 -6.32
N THR A 258 5.73 -19.45 -6.68
CA THR A 258 6.31 -18.65 -7.76
C THR A 258 7.78 -18.35 -7.59
N ILE A 259 8.22 -17.80 -6.50
CA ILE A 259 9.64 -17.68 -6.24
C ILE A 259 10.39 -19.01 -6.42
N ASN A 260 9.85 -20.05 -5.84
CA ASN A 260 10.48 -21.36 -5.89
C ASN A 260 10.62 -21.92 -7.30
N ASN A 261 9.95 -21.35 -8.27
CA ASN A 261 10.13 -21.83 -9.60
C ASN A 261 11.31 -21.23 -10.33
N ALA A 262 12.01 -20.29 -9.72
CA ALA A 262 13.13 -19.74 -10.38
C ALA A 262 14.05 -20.92 -10.52
N ASP A 263 14.49 -21.20 -11.75
CA ASP A 263 15.40 -22.29 -12.01
C ASP A 263 16.56 -21.76 -12.79
N GLN A 264 17.72 -21.67 -12.17
CA GLN A 264 18.81 -20.97 -12.81
C GLN A 264 19.33 -21.84 -13.90
N GLN A 265 19.19 -23.13 -13.74
CA GLN A 265 19.63 -24.02 -14.75
C GLN A 265 18.91 -23.83 -16.04
N LYS A 266 17.61 -23.63 -16.03
CA LYS A 266 16.93 -23.50 -17.31
C LYS A 266 17.14 -22.13 -17.87
N ASP A 267 17.23 -21.15 -16.99
CA ASP A 267 17.43 -19.81 -17.51
C ASP A 267 18.79 -19.69 -18.19
N LEU A 268 19.80 -20.31 -17.59
CA LEU A 268 21.11 -20.42 -18.18
C LEU A 268 21.13 -21.28 -19.45
N LYS A 269 20.37 -22.34 -19.46
CA LYS A 269 20.39 -23.14 -20.66
C LYS A 269 19.77 -22.32 -21.79
N TRP A 270 18.68 -21.65 -21.47
CA TRP A 270 18.04 -20.80 -22.44
C TRP A 270 19.02 -19.81 -23.04
N TRP A 271 19.87 -19.20 -22.21
CA TRP A 271 20.82 -18.21 -22.65
C TRP A 271 21.86 -18.76 -23.62
N SER A 272 22.36 -19.95 -23.28
CA SER A 272 23.37 -20.56 -24.07
C SER A 272 22.78 -20.87 -25.42
N ASN A 273 21.49 -21.16 -25.47
CA ASN A 273 20.87 -21.44 -26.76
C ASN A 273 20.54 -20.23 -27.59
N ASN A 274 20.26 -19.10 -26.96
CA ASN A 274 19.77 -17.97 -27.72
C ASN A 274 20.88 -16.98 -27.87
N HIS A 275 21.84 -17.04 -26.99
CA HIS A 275 22.84 -16.02 -27.00
C HIS A 275 24.24 -16.56 -26.91
N GLY A 276 24.41 -17.85 -26.69
CA GLY A 276 25.76 -18.32 -26.40
C GLY A 276 26.18 -19.59 -27.10
N ILE A 277 27.07 -20.32 -26.51
CA ILE A 277 27.69 -21.37 -27.23
C ILE A 277 26.83 -22.44 -27.91
N ASN A 278 25.65 -22.76 -27.46
CA ASN A 278 24.93 -23.77 -28.23
C ASN A 278 24.29 -23.24 -29.49
N MSE A 279 24.41 -21.94 -29.76
CA MSE A 279 23.89 -21.42 -31.03
C MSE A 279 24.59 -22.12 -32.23
O MSE A 279 25.80 -22.36 -32.17
CB MSE A 279 24.06 -19.90 -31.12
CG MSE A 279 23.27 -19.09 -30.12
SE MSE A 279 23.53 -17.35 -30.40
CE MSE A 279 22.25 -17.02 -31.52
N ALA A 280 23.87 -22.47 -33.29
CA ALA A 280 24.47 -22.97 -34.53
C ALA A 280 25.39 -21.91 -35.16
N MSE A 281 26.39 -22.33 -35.95
CA MSE A 281 27.24 -21.37 -36.73
C MSE A 281 27.35 -21.95 -38.11
O MSE A 281 27.23 -23.17 -38.27
CB MSE A 281 28.69 -21.32 -36.19
CG MSE A 281 29.64 -20.52 -36.99
SE MSE A 281 29.17 -18.81 -37.11
CE MSE A 281 30.78 -18.18 -37.44
N ASN A 282 27.64 -21.09 -39.09
CA ASN A 282 28.08 -21.54 -40.39
C ASN A 282 29.52 -21.40 -40.36
N TRP A 283 30.27 -22.47 -40.54
CA TRP A 283 31.68 -22.24 -40.66
C TRP A 283 32.10 -21.91 -42.11
N PRO A 284 33.30 -21.35 -42.27
CA PRO A 284 33.57 -20.82 -43.57
C PRO A 284 33.75 -21.96 -44.52
N SER A 285 33.18 -21.79 -45.70
CA SER A 285 33.03 -22.83 -46.70
C SER A 285 33.48 -22.16 -47.98
N PHE A 286 34.07 -22.91 -48.89
CA PHE A 286 34.41 -22.36 -50.18
C PHE A 286 33.13 -21.93 -50.93
N VAL A 287 32.93 -20.64 -51.18
CA VAL A 287 31.85 -20.24 -52.06
C VAL A 287 32.35 -19.90 -53.47
N GLU A 288 31.72 -20.54 -54.45
CA GLU A 288 32.03 -20.36 -55.87
C GLU A 288 31.72 -18.96 -56.44
N TYR A 289 31.91 -18.81 -57.74
CA TYR A 289 31.77 -17.52 -58.36
C TYR A 289 30.45 -17.45 -59.10
N THR A 290 29.74 -16.32 -59.00
CA THR A 290 28.57 -16.01 -59.88
C THR A 290 28.79 -16.57 -61.30
N SER B 1 25.47 -13.71 -39.50
CA SER B 1 24.23 -13.87 -38.66
C SER B 1 24.37 -13.29 -37.24
N ASP B 2 23.34 -13.52 -36.44
CA ASP B 2 23.33 -13.16 -35.04
C ASP B 2 24.11 -14.18 -34.18
N SER B 3 24.61 -15.26 -34.77
CA SER B 3 25.29 -16.33 -34.04
C SER B 3 26.37 -15.83 -33.13
N PHE B 4 26.30 -16.29 -31.90
CA PHE B 4 27.41 -16.13 -30.95
C PHE B 4 28.82 -16.30 -31.56
N TRP B 5 28.96 -17.26 -32.44
CA TRP B 5 30.25 -17.63 -32.97
C TRP B 5 30.94 -16.65 -33.94
N GLU B 6 30.11 -15.76 -34.51
CA GLU B 6 30.43 -14.58 -35.30
C GLU B 6 31.24 -13.48 -34.56
N PRO B 7 32.18 -12.83 -35.24
CA PRO B 7 33.06 -11.89 -34.49
C PRO B 7 32.29 -10.78 -33.79
N GLY B 8 32.72 -10.45 -32.59
CA GLY B 8 32.07 -9.41 -31.80
C GLY B 8 30.79 -9.82 -31.09
N ASN B 9 30.19 -10.92 -31.46
CA ASN B 9 28.87 -11.23 -30.98
C ASN B 9 28.79 -11.73 -29.56
N TYR B 10 29.93 -11.88 -28.89
CA TYR B 10 29.95 -12.27 -27.50
C TYR B 10 29.48 -11.14 -26.65
N LYS B 11 29.14 -10.04 -27.30
CA LYS B 11 28.82 -8.85 -26.57
C LYS B 11 27.45 -8.89 -25.93
N ARG B 12 26.55 -9.73 -26.44
CA ARG B 12 25.30 -9.98 -25.70
C ARG B 12 25.61 -10.57 -24.37
N THR B 13 26.58 -11.46 -24.26
CA THR B 13 26.90 -12.04 -22.97
C THR B 13 27.54 -11.05 -22.02
N THR B 14 28.46 -10.23 -22.54
CA THR B 14 29.12 -9.31 -21.68
C THR B 14 28.11 -8.22 -21.31
N LYS B 15 27.23 -7.82 -22.23
CA LYS B 15 26.28 -6.77 -21.87
C LYS B 15 25.50 -7.24 -20.65
N ARG B 16 25.33 -8.55 -20.56
CA ARG B 16 24.51 -9.13 -19.51
C ARG B 16 25.11 -8.99 -18.11
N ILE B 17 26.44 -8.99 -18.01
CA ILE B 17 27.11 -8.61 -16.80
C ILE B 17 26.59 -7.29 -16.30
N GLU B 18 26.61 -6.25 -17.16
CA GLU B 18 26.17 -4.91 -16.77
C GLU B 18 24.65 -4.85 -16.54
N ASP B 19 23.88 -5.63 -17.28
CA ASP B 19 22.52 -5.74 -16.99
C ASP B 19 22.36 -6.27 -15.55
N GLY B 20 23.28 -7.08 -15.08
CA GLY B 20 23.12 -7.60 -13.74
C GLY B 20 23.20 -6.45 -12.73
N TYR B 21 24.19 -5.56 -12.88
CA TYR B 21 24.22 -4.32 -12.10
C TYR B 21 22.86 -3.62 -12.15
N LYS B 22 22.38 -3.23 -13.33
CA LYS B 22 21.06 -2.56 -13.48
C LYS B 22 19.91 -3.23 -12.73
N LEU B 23 19.80 -4.55 -12.88
CA LEU B 23 18.83 -5.29 -12.09
C LEU B 23 19.06 -5.17 -10.58
N CYS B 24 20.28 -5.09 -10.10
CA CYS B 24 20.38 -4.69 -8.70
C CYS B 24 19.74 -3.36 -8.44
N ASN B 25 20.05 -2.32 -9.18
CA ASN B 25 19.34 -1.07 -8.99
C ASN B 25 17.81 -1.17 -9.04
N ASP B 26 17.30 -1.93 -10.00
CA ASP B 26 15.86 -2.02 -10.21
C ASP B 26 15.21 -2.66 -9.01
N LEU B 27 15.79 -3.76 -8.53
CA LEU B 27 15.21 -4.47 -7.42
C LEU B 27 15.23 -3.59 -6.15
N GLN B 28 16.30 -2.83 -5.96
CA GLN B 28 16.38 -1.98 -4.79
C GLN B 28 15.28 -0.99 -4.93
N GLN B 29 15.17 -0.41 -6.11
CA GLN B 29 14.16 0.59 -6.34
C GLN B 29 12.76 0.06 -6.18
N LEU B 30 12.49 -1.15 -6.63
CA LEU B 30 11.16 -1.71 -6.52
C LEU B 30 10.87 -1.91 -5.03
N ILE B 31 11.79 -2.44 -4.25
CA ILE B 31 11.49 -2.72 -2.88
C ILE B 31 11.27 -1.41 -2.14
N GLN B 32 12.15 -0.44 -2.35
CA GLN B 32 12.07 0.82 -1.63
C GLN B 32 10.67 1.38 -1.88
N GLU B 33 10.23 1.24 -3.12
CA GLU B 33 8.96 1.76 -3.51
C GLU B 33 7.83 1.12 -2.76
N ARG B 34 7.81 -0.19 -2.60
CA ARG B 34 6.79 -0.87 -1.82
C ARG B 34 6.84 -0.37 -0.39
N ALA B 35 8.05 -0.25 0.13
CA ALA B 35 8.28 0.32 1.46
C ALA B 35 7.63 1.66 1.66
N ASP B 36 7.53 2.46 0.62
CA ASP B 36 7.00 3.79 0.82
C ASP B 36 5.50 3.63 0.91
N ILE B 37 4.96 2.76 0.08
CA ILE B 37 3.56 2.45 0.18
C ILE B 37 3.20 1.96 1.59
N GLU B 38 4.05 1.17 2.22
CA GLU B 38 3.66 0.67 3.53
C GLU B 38 3.81 1.79 4.55
N LYS B 39 4.90 2.56 4.47
CA LYS B 39 5.08 3.78 5.28
C LYS B 39 3.85 4.64 5.13
N GLY B 40 3.36 4.80 3.90
CA GLY B 40 2.29 5.74 3.63
C GLY B 40 0.96 5.31 4.23
N TYR B 41 0.73 4.01 4.35
CA TYR B 41 -0.54 3.52 4.79
C TYR B 41 -0.52 3.78 6.28
N ALA B 42 0.58 3.39 6.93
CA ALA B 42 0.75 3.50 8.37
C ALA B 42 0.68 4.97 8.75
N LYS B 43 1.35 5.78 7.98
CA LYS B 43 1.32 7.17 8.25
C LYS B 43 -0.20 7.65 8.16
N SER B 44 -0.99 7.19 7.19
CA SER B 44 -2.37 7.65 7.07
C SER B 44 -3.21 7.23 8.24
N LEU B 45 -3.01 5.99 8.64
CA LEU B 45 -3.67 5.43 9.75
C LEU B 45 -3.41 6.25 10.99
N ARG B 46 -2.20 6.67 11.20
CA ARG B 46 -1.88 7.32 12.41
C ARG B 46 -2.52 8.74 12.41
N THR B 47 -2.51 9.38 11.26
CA THR B 47 -3.07 10.70 11.16
C THR B 47 -4.55 10.58 11.54
N TRP B 48 -5.19 9.52 11.06
CA TRP B 48 -6.58 9.32 11.21
C TRP B 48 -6.88 9.12 12.66
N SER B 49 -6.13 8.22 13.26
CA SER B 49 -6.31 7.93 14.60
C SER B 49 -6.05 9.15 15.50
N LYS B 50 -5.15 10.05 15.10
CA LYS B 50 -4.89 11.21 15.94
C LYS B 50 -6.13 12.14 15.88
N LYS B 51 -6.65 12.26 14.67
CA LYS B 51 -7.77 13.11 14.37
C LYS B 51 -9.02 12.65 15.13
N TRP B 52 -9.45 11.41 14.97
CA TRP B 52 -10.63 10.97 15.61
C TRP B 52 -10.46 10.77 17.06
N GLY B 53 -9.22 10.60 17.50
CA GLY B 53 -8.96 10.37 18.91
C GLY B 53 -9.46 11.58 19.62
N GLU B 54 -9.07 12.71 19.09
CA GLU B 54 -9.51 13.98 19.59
C GLU B 54 -11.01 14.33 19.34
N LEU B 55 -11.55 14.07 18.14
CA LEU B 55 -12.98 14.32 17.93
C LEU B 55 -13.86 13.51 18.88
N ILE B 56 -13.52 12.27 19.16
CA ILE B 56 -14.26 11.50 20.15
C ILE B 56 -14.18 12.08 21.57
N GLU B 57 -12.99 12.54 21.91
CA GLU B 57 -12.69 13.03 23.22
C GLU B 57 -13.58 14.21 23.48
N LYS B 58 -13.51 15.14 22.56
CA LYS B 58 -14.11 16.44 22.64
C LYS B 58 -15.62 16.34 22.36
N GLY B 59 -16.07 15.32 21.63
CA GLY B 59 -17.50 15.12 21.41
C GLY B 59 -18.29 14.48 22.56
N PRO B 60 -19.58 14.18 22.32
CA PRO B 60 -20.55 13.72 23.33
C PRO B 60 -20.50 12.27 23.77
N GLU B 61 -19.72 11.42 23.16
CA GLU B 61 -19.82 10.02 23.56
C GLU B 61 -19.08 9.90 24.91
N TYR B 62 -19.51 9.00 25.78
CA TYR B 62 -18.94 8.90 27.14
C TYR B 62 -18.86 7.44 27.59
N GLY B 63 -18.20 7.23 28.71
CA GLY B 63 -18.26 5.92 29.37
C GLY B 63 -17.57 4.82 28.63
N THR B 64 -17.96 3.60 28.89
CA THR B 64 -17.30 2.48 28.30
C THR B 64 -17.66 2.42 26.82
N THR B 65 -18.68 3.14 26.42
CA THR B 65 -19.01 3.17 25.04
C THR B 65 -17.98 4.02 24.33
N GLU B 66 -17.69 5.16 24.92
CA GLU B 66 -16.57 5.94 24.44
C GLU B 66 -15.36 5.05 24.28
N ALA B 67 -15.03 4.31 25.34
CA ALA B 67 -13.84 3.47 25.35
C ALA B 67 -13.91 2.45 24.25
N ALA B 68 -15.07 1.83 24.00
CA ALA B 68 -15.21 0.99 22.80
C ALA B 68 -14.88 1.67 21.47
N TRP B 69 -15.38 2.90 21.24
CA TRP B 69 -15.09 3.61 20.01
C TRP B 69 -13.59 3.69 19.93
N LYS B 70 -12.93 3.97 21.05
CA LYS B 70 -11.48 4.18 21.04
C LYS B 70 -10.69 2.93 20.65
N GLY B 71 -11.18 1.78 21.06
CA GLY B 71 -10.67 0.53 20.53
C GLY B 71 -10.27 0.53 19.05
N VAL B 72 -11.05 1.19 18.22
CA VAL B 72 -10.78 1.16 16.82
C VAL B 72 -9.47 1.91 16.55
N LEU B 73 -9.24 3.01 17.26
CA LEU B 73 -8.06 3.84 17.08
C LEU B 73 -6.81 3.12 17.56
N THR B 74 -6.94 2.37 18.64
CA THR B 74 -5.87 1.52 19.08
C THR B 74 -5.53 0.45 18.02
N GLU B 75 -6.55 -0.21 17.44
CA GLU B 75 -6.41 -1.17 16.33
C GLU B 75 -5.53 -0.62 15.21
N SER B 76 -5.88 0.54 14.72
CA SER B 76 -5.20 1.09 13.61
C SER B 76 -3.79 1.47 14.04
N GLU B 77 -3.53 1.56 15.34
CA GLU B 77 -2.21 1.99 15.71
C GLU B 77 -1.26 0.81 15.66
N ARG B 78 -1.77 -0.31 16.13
CA ARG B 78 -1.08 -1.54 16.13
C ARG B 78 -0.88 -1.99 14.68
N ILE B 79 -1.83 -1.66 13.81
CA ILE B 79 -1.71 -2.10 12.44
C ILE B 79 -0.58 -1.31 11.79
N SER B 80 -0.57 -0.01 12.07
CA SER B 80 0.41 0.85 11.53
C SER B 80 1.80 0.40 11.94
N ASP B 81 1.96 -0.09 13.16
CA ASP B 81 3.27 -0.56 13.52
C ASP B 81 3.69 -1.76 12.67
N VAL B 82 2.81 -2.73 12.59
CA VAL B 82 3.06 -3.80 11.67
C VAL B 82 3.56 -3.21 10.34
N HIS B 83 2.85 -2.25 9.78
CA HIS B 83 3.32 -1.87 8.47
C HIS B 83 4.64 -1.10 8.50
N MSE B 84 4.98 -0.39 9.58
CA MSE B 84 6.26 0.31 9.71
C MSE B 84 7.40 -0.65 9.77
O MSE B 84 8.49 -0.35 9.32
CB MSE B 84 6.32 1.16 10.95
CG MSE B 84 5.73 2.56 10.78
SE MSE B 84 6.32 3.65 9.22
CE MSE B 84 7.54 4.92 10.12
N LYS B 85 7.15 -1.81 10.36
CA LYS B 85 8.13 -2.82 10.56
C LYS B 85 8.36 -3.50 9.24
N ILE B 86 7.35 -3.59 8.39
CA ILE B 86 7.59 -4.12 7.08
C ILE B 86 8.41 -3.11 6.29
N LYS B 87 8.05 -1.85 6.38
CA LYS B 87 8.89 -0.81 5.79
C LYS B 87 10.35 -0.93 6.26
N ASP B 88 10.52 -1.23 7.54
CA ASP B 88 11.83 -1.20 8.10
C ASP B 88 12.54 -2.47 7.75
N ASN B 89 11.82 -3.59 7.86
CA ASN B 89 12.43 -4.81 7.33
C ASN B 89 12.85 -4.78 5.88
N LEU B 90 12.05 -4.20 4.99
CA LEU B 90 12.38 -4.18 3.57
C LEU B 90 13.61 -3.34 3.44
N CYS B 91 13.67 -2.21 4.11
CA CYS B 91 14.85 -1.39 3.93
C CYS B 91 16.10 -1.80 4.63
N ASN B 92 16.07 -2.52 5.73
CA ASN B 92 17.35 -2.75 6.37
C ASN B 92 17.70 -4.18 6.44
N ASP B 93 16.74 -5.09 6.35
CA ASP B 93 17.10 -6.48 6.10
C ASP B 93 17.38 -6.65 4.58
N VAL B 94 16.47 -6.21 3.73
CA VAL B 94 16.56 -6.65 2.36
C VAL B 94 17.34 -5.67 1.50
N ASN B 95 16.94 -4.41 1.43
CA ASN B 95 17.64 -3.58 0.50
C ASN B 95 19.15 -3.49 0.76
N SER B 96 19.59 -3.37 2.00
CA SER B 96 21.02 -3.28 2.36
C SER B 96 21.80 -4.50 1.88
N GLN B 97 21.16 -5.66 1.92
CA GLN B 97 21.84 -6.84 1.45
C GLN B 97 22.17 -6.65 0.00
N ILE B 98 21.20 -6.27 -0.80
CA ILE B 98 21.41 -6.02 -2.19
C ILE B 98 22.39 -4.92 -2.38
N LYS B 99 22.23 -3.83 -1.67
CA LYS B 99 23.17 -2.76 -1.78
C LYS B 99 24.65 -3.30 -1.64
N THR B 100 24.81 -4.31 -0.78
CA THR B 100 26.09 -4.83 -0.40
C THR B 100 26.65 -5.68 -1.50
N TRP B 101 25.86 -6.63 -1.95
CA TRP B 101 26.28 -7.54 -2.98
C TRP B 101 26.69 -6.74 -4.21
N GLN B 102 25.90 -5.75 -4.55
CA GLN B 102 26.14 -4.97 -5.74
C GLN B 102 27.47 -4.21 -5.61
N LYS B 103 27.78 -3.64 -4.45
CA LYS B 103 29.05 -3.04 -4.19
C LYS B 103 30.17 -4.06 -4.38
N GLU B 104 29.92 -5.32 -4.01
CA GLU B 104 31.01 -6.27 -3.91
C GLU B 104 31.36 -6.92 -5.19
N ASN B 105 30.42 -6.92 -6.13
CA ASN B 105 30.61 -7.64 -7.35
C ASN B 105 30.75 -6.81 -8.57
N TYR B 106 30.65 -5.49 -8.44
CA TYR B 106 30.77 -4.61 -9.58
C TYR B 106 31.66 -3.46 -9.15
N HIS B 107 32.71 -3.19 -9.90
CA HIS B 107 33.66 -2.17 -9.55
C HIS B 107 33.64 -1.22 -10.70
N HIS B 108 33.97 0.04 -10.45
CA HIS B 108 33.73 1.04 -11.46
C HIS B 108 35.01 1.72 -11.83
N THR B 109 35.55 1.45 -13.01
CA THR B 109 36.79 2.10 -13.42
C THR B 109 36.71 2.68 -14.80
N LEU B 110 37.36 3.79 -15.05
CA LEU B 110 37.51 4.11 -16.46
C LEU B 110 36.17 4.12 -17.18
N MSE B 111 35.18 4.75 -16.56
CA MSE B 111 33.83 4.80 -17.09
C MSE B 111 33.31 3.44 -17.60
O MSE B 111 32.55 3.36 -18.54
CB MSE B 111 33.67 5.90 -18.12
CG MSE B 111 33.68 7.26 -17.48
SE MSE B 111 33.73 8.66 -18.63
CE MSE B 111 32.19 8.67 -19.45
N GLN B 112 33.72 2.38 -16.92
CA GLN B 112 33.28 1.04 -17.25
C GLN B 112 32.99 0.27 -15.97
N ILE B 113 32.31 -0.86 -16.13
CA ILE B 113 32.22 -1.86 -15.06
C ILE B 113 33.32 -2.85 -15.35
N LYS B 114 34.29 -2.87 -14.46
CA LYS B 114 35.45 -3.65 -14.64
C LYS B 114 35.14 -5.09 -14.94
N GLU B 115 34.18 -5.70 -14.28
CA GLU B 115 33.84 -7.06 -14.60
C GLU B 115 33.42 -7.22 -16.04
N ARG B 116 32.74 -6.24 -16.61
CA ARG B 116 32.45 -6.30 -18.05
C ARG B 116 33.68 -6.12 -18.95
N LYS B 117 34.45 -5.08 -18.68
CA LYS B 117 35.59 -4.70 -19.51
C LYS B 117 36.61 -5.80 -19.55
N ASP B 118 36.90 -6.40 -18.40
CA ASP B 118 37.84 -7.50 -18.32
C ASP B 118 37.41 -8.65 -19.17
N LEU B 119 36.16 -9.03 -19.11
CA LEU B 119 35.75 -10.16 -19.88
C LEU B 119 35.56 -9.90 -21.34
N GLU B 120 35.46 -8.65 -21.74
CA GLU B 120 35.23 -8.41 -23.13
C GLU B 120 36.56 -8.63 -23.66
N ASP B 121 37.56 -8.11 -22.93
CA ASP B 121 38.97 -8.32 -23.19
C ASP B 121 39.32 -9.81 -23.27
N LEU B 122 38.77 -10.63 -22.41
CA LEU B 122 39.17 -11.99 -22.42
C LEU B 122 38.60 -12.65 -23.65
N PHE B 123 37.38 -12.29 -24.05
CA PHE B 123 36.79 -12.85 -25.26
C PHE B 123 37.56 -12.37 -26.48
N LYS B 124 37.96 -11.11 -26.43
CA LYS B 124 38.54 -10.51 -27.57
C LYS B 124 39.82 -11.25 -27.81
N LYS B 125 40.54 -11.60 -26.74
CA LYS B 125 41.80 -12.30 -26.85
C LYS B 125 41.54 -13.70 -27.37
N ALA B 126 40.69 -14.42 -26.67
CA ALA B 126 40.18 -15.66 -27.18
C ALA B 126 39.77 -15.66 -28.65
N GLN B 127 39.36 -14.53 -29.26
CA GLN B 127 38.76 -14.60 -30.61
C GLN B 127 39.76 -14.10 -31.64
N LYS B 128 40.76 -13.35 -31.20
CA LYS B 128 41.70 -12.71 -32.10
C LYS B 128 42.30 -13.64 -33.20
N PRO B 129 43.05 -14.71 -32.81
CA PRO B 129 43.53 -15.68 -33.81
C PRO B 129 42.56 -16.02 -34.93
N TRP B 130 41.37 -16.44 -34.54
CA TRP B 130 40.39 -16.89 -35.50
C TRP B 130 39.83 -15.69 -36.28
N ALA B 131 39.88 -14.51 -35.68
CA ALA B 131 39.45 -13.36 -36.41
C ALA B 131 40.38 -13.16 -37.60
N LYS B 132 41.70 -13.16 -37.37
CA LYS B 132 42.68 -13.23 -38.43
C LYS B 132 42.30 -14.28 -39.50
N LEU B 133 42.35 -15.55 -39.15
CA LEU B 133 41.99 -16.53 -40.17
C LEU B 133 40.68 -16.17 -40.89
N LEU B 134 39.71 -15.61 -40.19
CA LEU B 134 38.50 -15.20 -40.88
C LEU B 134 38.74 -14.05 -41.92
N ALA B 135 39.62 -13.11 -41.55
CA ALA B 135 39.99 -11.98 -42.37
C ALA B 135 40.65 -12.48 -43.68
N LYS B 136 41.72 -13.24 -43.53
CA LYS B 136 42.25 -14.02 -44.59
C LYS B 136 41.16 -14.69 -45.42
N VAL B 137 40.31 -15.51 -44.82
CA VAL B 137 39.36 -16.16 -45.68
C VAL B 137 38.65 -15.10 -46.46
N GLU B 138 38.35 -13.96 -45.85
CA GLU B 138 37.56 -12.96 -46.54
C GLU B 138 38.28 -12.21 -47.68
N LYS B 139 39.58 -11.93 -47.52
CA LYS B 139 40.42 -11.36 -48.60
C LYS B 139 40.53 -12.37 -49.73
N ALA B 140 41.13 -13.52 -49.45
CA ALA B 140 41.12 -14.63 -50.34
C ALA B 140 39.78 -14.82 -51.07
N LYS B 141 38.66 -14.72 -50.39
CA LYS B 141 37.41 -14.90 -51.12
C LYS B 141 37.14 -13.70 -52.10
N ALA B 142 37.44 -12.49 -51.63
CA ALA B 142 37.23 -11.32 -52.45
C ALA B 142 38.28 -11.34 -53.59
N ASP B 143 39.54 -11.59 -53.22
CA ASP B 143 40.64 -11.56 -54.13
C ASP B 143 40.49 -12.59 -55.20
N TYR B 144 39.52 -13.48 -55.04
CA TYR B 144 39.41 -14.58 -55.98
C TYR B 144 38.18 -14.43 -56.82
N HIS B 145 37.29 -13.56 -56.40
CA HIS B 145 36.06 -13.41 -57.13
C HIS B 145 36.38 -12.29 -58.09
N SER B 146 37.32 -11.44 -57.73
CA SER B 146 37.63 -10.34 -58.64
C SER B 146 38.64 -10.80 -59.69
N ALA B 147 39.38 -11.85 -59.37
CA ALA B 147 40.18 -12.50 -60.39
C ALA B 147 39.29 -13.27 -61.36
N CYS B 148 38.18 -13.83 -60.89
CA CYS B 148 37.26 -14.55 -61.77
C CYS B 148 36.61 -13.59 -62.73
N LYS B 149 36.18 -12.46 -62.16
CA LYS B 149 35.55 -11.42 -62.91
C LYS B 149 36.51 -10.89 -63.97
N THR B 150 37.72 -10.49 -63.58
CA THR B 150 38.67 -10.00 -64.58
C THR B 150 38.71 -10.98 -65.75
N GLU B 151 39.23 -12.17 -65.49
CA GLU B 151 39.38 -13.20 -66.49
C GLU B 151 38.19 -13.38 -67.44
N ARG B 152 36.98 -13.07 -67.02
CA ARG B 152 35.82 -13.29 -67.89
C ARG B 152 35.60 -12.12 -68.86
N SER B 153 36.12 -10.96 -68.48
CA SER B 153 35.96 -9.75 -69.26
C SER B 153 37.24 -9.51 -70.05
N ALA B 154 38.24 -10.34 -69.80
CA ALA B 154 39.50 -10.24 -70.49
C ALA B 154 39.42 -11.18 -71.66
N THR B 155 38.76 -12.33 -71.46
CA THR B 155 38.56 -13.30 -72.51
C THR B 155 37.51 -12.77 -73.46
N ASN B 156 36.78 -11.75 -73.02
CA ASN B 156 35.89 -11.00 -73.87
C ASN B 156 36.56 -10.08 -74.86
N GLN B 157 37.53 -9.31 -74.37
CA GLN B 157 38.18 -8.33 -75.21
C GLN B 157 39.05 -9.00 -76.24
N GLU B 158 39.66 -10.12 -75.90
CA GLU B 158 40.36 -10.88 -76.90
C GLU B 158 39.42 -11.33 -78.04
N ARG B 159 38.18 -11.70 -77.71
CA ARG B 159 37.13 -11.95 -78.71
C ARG B 159 37.17 -10.93 -79.85
N ASN B 160 36.95 -9.67 -79.49
CA ASN B 160 36.83 -8.56 -80.46
C ASN B 160 38.13 -7.81 -80.80
N ALA B 161 39.23 -8.53 -80.70
CA ALA B 161 40.53 -8.11 -81.19
C ALA B 161 40.87 -8.96 -82.40
N ASN B 162 40.61 -10.25 -82.28
CA ASN B 162 40.80 -11.21 -83.38
C ASN B 162 39.72 -11.02 -84.46
N ALA B 163 38.74 -10.14 -84.16
CA ALA B 163 37.83 -9.55 -85.15
C ALA B 163 37.99 -7.98 -85.25
N ASP B 164 39.18 -7.47 -85.02
CA ASP B 164 39.45 -6.14 -85.47
C ASP B 164 40.82 -6.16 -86.06
N SER B 165 40.84 -6.24 -87.38
CA SER B 165 42.07 -6.46 -88.04
C SER B 165 42.94 -5.22 -88.26
N SER B 166 42.55 -4.09 -87.72
CA SER B 166 43.41 -2.92 -87.80
C SER B 166 44.36 -2.84 -86.61
N LEU B 167 44.06 -3.52 -85.52
CA LEU B 167 44.90 -3.36 -84.34
C LEU B 167 46.28 -3.79 -84.66
N SER B 168 47.27 -3.20 -84.01
CA SER B 168 48.66 -3.55 -84.30
C SER B 168 49.02 -4.90 -83.69
N PRO B 169 50.11 -5.54 -84.15
CA PRO B 169 50.46 -6.79 -83.46
C PRO B 169 50.70 -6.69 -81.97
N ASP B 170 51.30 -5.61 -81.48
CA ASP B 170 51.49 -5.33 -80.06
C ASP B 170 50.14 -5.23 -79.35
N GLN B 171 49.11 -4.74 -80.02
CA GLN B 171 47.88 -4.57 -79.32
C GLN B 171 47.28 -5.94 -79.19
N VAL B 172 47.37 -6.73 -80.23
CA VAL B 172 46.69 -7.98 -80.20
C VAL B 172 47.36 -8.86 -79.15
N LYS B 173 48.66 -8.66 -79.05
CA LYS B 173 49.50 -9.40 -78.14
C LYS B 173 49.18 -9.04 -76.70
N LYS B 174 49.11 -7.76 -76.35
CA LYS B 174 48.81 -7.37 -74.98
C LYS B 174 47.56 -8.08 -74.47
N MSE B 175 46.52 -8.13 -75.30
CA MSE B 175 45.28 -8.76 -74.92
C MSE B 175 45.40 -10.25 -74.75
O MSE B 175 44.77 -10.80 -73.86
CB MSE B 175 44.21 -8.48 -75.95
CG MSE B 175 43.22 -7.44 -75.44
SE MSE B 175 42.47 -6.47 -76.93
CE MSE B 175 41.86 -4.88 -75.92
N HIS B 176 46.18 -10.89 -75.60
CA HIS B 176 46.43 -12.30 -75.48
C HIS B 176 47.18 -12.52 -74.16
N ASP B 177 48.13 -11.65 -73.81
CA ASP B 177 48.93 -11.86 -72.63
C ASP B 177 48.10 -11.70 -71.39
N ARG B 178 47.22 -10.69 -71.40
CA ARG B 178 46.31 -10.43 -70.28
C ARG B 178 45.45 -11.63 -69.96
N VAL B 179 44.86 -12.27 -70.95
CA VAL B 179 44.03 -13.46 -70.73
C VAL B 179 44.78 -14.54 -69.97
N GLN B 180 45.90 -14.96 -70.52
CA GLN B 180 46.72 -15.99 -69.91
C GLN B 180 47.21 -15.61 -68.48
N LYS B 181 47.39 -14.32 -68.22
CA LYS B 181 47.93 -13.78 -66.97
C LYS B 181 46.80 -13.70 -65.97
N THR B 182 45.60 -13.51 -66.47
CA THR B 182 44.49 -13.40 -65.59
C THR B 182 43.97 -14.79 -65.29
N LYS B 183 44.27 -15.78 -66.10
CA LYS B 183 43.87 -17.10 -65.69
C LYS B 183 44.93 -17.81 -64.85
N ASP B 184 46.15 -17.28 -64.84
CA ASP B 184 47.07 -17.56 -63.75
C ASP B 184 46.44 -17.07 -62.46
N GLN B 185 45.80 -15.90 -62.53
CA GLN B 185 45.17 -15.25 -61.37
C GLN B 185 44.02 -16.09 -60.79
N VAL B 186 43.04 -16.45 -61.61
CA VAL B 186 42.02 -17.40 -61.20
C VAL B 186 42.55 -18.63 -60.45
N GLN B 187 43.73 -19.10 -60.85
CA GLN B 187 44.27 -20.28 -60.25
C GLN B 187 44.95 -19.88 -58.97
N LYS B 188 46.05 -19.15 -59.06
CA LYS B 188 46.73 -18.68 -57.87
C LYS B 188 45.71 -18.39 -56.71
N CYS B 189 44.69 -17.60 -57.03
CA CYS B 189 43.62 -17.26 -56.11
C CYS B 189 42.76 -18.37 -55.60
N ARG B 190 42.27 -19.25 -56.47
CA ARG B 190 41.53 -20.42 -56.02
C ARG B 190 42.40 -21.12 -54.97
N GLU B 191 43.69 -21.19 -55.22
CA GLU B 191 44.52 -21.87 -54.28
C GLU B 191 44.56 -21.15 -52.95
N LYS B 192 44.99 -19.89 -52.90
CA LYS B 192 45.08 -19.22 -51.60
C LYS B 192 43.73 -19.29 -50.83
N TYR B 193 42.62 -19.20 -51.54
CA TYR B 193 41.33 -19.29 -50.93
C TYR B 193 41.16 -20.69 -50.26
N GLU B 194 41.23 -21.77 -51.04
CA GLU B 194 41.24 -23.13 -50.48
C GLU B 194 42.22 -23.31 -49.34
N GLN B 195 43.30 -22.59 -49.31
CA GLN B 195 44.23 -22.81 -48.22
C GLN B 195 43.82 -22.07 -46.97
N ALA B 196 43.02 -21.04 -47.15
CA ALA B 196 42.69 -20.19 -46.06
C ALA B 196 41.52 -20.89 -45.38
N ILE B 197 40.61 -21.39 -46.18
CA ILE B 197 39.55 -22.21 -45.64
C ILE B 197 40.07 -23.42 -44.86
N ALA B 198 41.00 -24.14 -45.44
CA ALA B 198 41.61 -25.22 -44.74
C ALA B 198 42.25 -24.75 -43.45
N GLU B 199 42.83 -23.55 -43.41
CA GLU B 199 43.72 -23.18 -42.29
C GLU B 199 42.88 -22.87 -41.05
N ILE B 200 41.75 -22.22 -41.34
CA ILE B 200 40.76 -21.82 -40.39
C ILE B 200 40.07 -23.09 -39.94
N THR B 201 39.70 -23.99 -40.86
CA THR B 201 38.96 -25.22 -40.50
C THR B 201 39.71 -26.05 -39.50
N LYS B 202 41.00 -25.83 -39.37
CA LYS B 202 41.71 -26.63 -38.43
C LYS B 202 41.84 -25.90 -37.09
N TYR B 203 41.71 -24.58 -37.12
CA TYR B 203 41.69 -23.79 -35.89
C TYR B 203 40.34 -23.83 -35.17
N ASN B 204 39.26 -24.21 -35.84
CA ASN B 204 37.97 -24.03 -35.30
C ASN B 204 37.83 -24.60 -33.90
N SER B 205 38.42 -25.76 -33.69
CA SER B 205 38.09 -26.42 -32.50
C SER B 205 38.88 -25.74 -31.40
N VAL B 206 40.08 -25.28 -31.69
CA VAL B 206 40.79 -24.50 -30.68
C VAL B 206 40.00 -23.27 -30.28
N TYR B 207 39.41 -22.59 -31.28
CA TYR B 207 38.53 -21.45 -31.12
C TYR B 207 37.39 -21.85 -30.21
N ILE B 208 36.61 -22.83 -30.61
CA ILE B 208 35.55 -23.35 -29.77
C ILE B 208 35.99 -23.55 -28.33
N GLU B 209 37.09 -24.25 -28.08
CA GLU B 209 37.49 -24.44 -26.71
C GLU B 209 37.65 -23.14 -25.99
N ASP B 210 38.46 -22.28 -26.55
CA ASP B 210 38.67 -20.94 -26.01
C ASP B 210 37.38 -20.15 -25.71
N MSE B 211 36.53 -19.94 -26.70
CA MSE B 211 35.38 -19.22 -26.35
C MSE B 211 34.55 -19.97 -25.22
O MSE B 211 34.03 -19.32 -24.30
CB MSE B 211 34.59 -18.84 -27.60
CG MSE B 211 35.31 -17.95 -28.62
SE MSE B 211 35.36 -16.17 -28.35
CE MSE B 211 36.95 -16.12 -27.85
N THR B 212 34.48 -21.30 -25.22
CA THR B 212 33.66 -22.03 -24.26
C THR B 212 34.10 -21.75 -22.85
N SER B 213 35.36 -21.45 -22.73
CA SER B 213 35.96 -21.42 -21.48
C SER B 213 35.65 -20.07 -20.90
N VAL B 214 35.69 -19.05 -21.74
CA VAL B 214 35.37 -17.65 -21.35
C VAL B 214 33.90 -17.53 -21.08
N PHE B 215 33.08 -18.19 -21.88
CA PHE B 215 31.65 -18.11 -21.75
C PHE B 215 31.22 -18.69 -20.43
N GLU B 216 31.89 -19.72 -19.99
CA GLU B 216 31.42 -20.41 -18.83
C GLU B 216 31.80 -19.62 -17.58
N LYS B 217 32.88 -18.84 -17.67
CA LYS B 217 33.21 -17.91 -16.62
C LYS B 217 32.01 -16.99 -16.36
N CYS B 218 31.34 -16.64 -17.47
CA CYS B 218 30.27 -15.72 -17.46
C CYS B 218 29.06 -16.39 -16.91
N GLN B 219 28.69 -17.52 -17.46
CA GLN B 219 27.63 -18.31 -16.90
C GLN B 219 27.82 -18.50 -15.38
N THR B 220 29.02 -18.74 -14.91
CA THR B 220 29.17 -18.96 -13.48
C THR B 220 28.82 -17.72 -12.66
N PHE B 221 29.29 -16.57 -13.09
CA PHE B 221 28.88 -15.36 -12.42
C PHE B 221 27.41 -15.17 -12.48
N GLU B 222 26.83 -15.35 -13.65
CA GLU B 222 25.44 -15.20 -13.75
C GLU B 222 24.75 -16.17 -12.81
N LYS B 223 25.16 -17.43 -12.74
CA LYS B 223 24.45 -18.45 -11.92
C LYS B 223 24.26 -17.90 -10.53
N THR B 224 25.33 -17.39 -9.98
CA THR B 224 25.41 -16.76 -8.75
C THR B 224 24.43 -15.61 -8.55
N ARG B 225 24.31 -14.72 -9.55
CA ARG B 225 23.40 -13.60 -9.42
C ARG B 225 22.02 -14.18 -9.33
N LEU B 226 21.72 -15.13 -10.20
CA LEU B 226 20.36 -15.63 -10.23
C LEU B 226 20.03 -16.34 -8.90
N GLN B 227 21.03 -16.90 -8.24
CA GLN B 227 20.75 -17.59 -7.02
C GLN B 227 20.46 -16.54 -5.95
N PHE B 228 21.34 -15.57 -5.85
CA PHE B 228 21.15 -14.47 -4.96
C PHE B 228 19.77 -13.86 -5.13
N PHE B 229 19.39 -13.52 -6.36
CA PHE B 229 18.09 -12.88 -6.54
C PHE B 229 16.97 -13.77 -6.05
N LYS B 230 17.10 -15.09 -6.23
CA LYS B 230 16.08 -16.00 -5.74
C LYS B 230 15.93 -15.88 -4.19
N GLU B 231 17.05 -15.68 -3.50
CA GLU B 231 17.03 -15.68 -2.08
C GLU B 231 16.37 -14.46 -1.53
N ILE B 232 16.74 -13.31 -2.11
CA ILE B 232 16.25 -12.02 -1.72
C ILE B 232 14.74 -12.01 -1.97
N LEU B 233 14.31 -12.44 -3.13
CA LEU B 233 12.90 -12.66 -3.29
C LEU B 233 12.23 -13.41 -2.12
N PHE B 234 12.75 -14.53 -1.65
CA PHE B 234 12.22 -15.15 -0.44
C PHE B 234 12.32 -14.24 0.76
N ASN B 235 13.42 -13.51 0.87
CA ASN B 235 13.56 -12.64 2.00
C ASN B 235 12.47 -11.59 1.95
N VAL B 236 12.16 -11.08 0.76
CA VAL B 236 11.09 -10.13 0.58
C VAL B 236 9.82 -10.77 1.10
N HIS B 237 9.51 -11.93 0.53
CA HIS B 237 8.39 -12.69 0.94
C HIS B 237 8.28 -12.73 2.46
N SER B 238 9.26 -13.25 3.18
CA SER B 238 9.25 -13.10 4.68
C SER B 238 8.79 -11.79 5.24
N CYS B 239 9.28 -10.71 4.66
CA CYS B 239 8.92 -9.40 5.19
C CYS B 239 7.45 -9.12 5.04
N LEU B 240 6.84 -9.63 3.99
CA LEU B 240 5.48 -9.26 3.68
C LEU B 240 4.46 -10.25 4.19
N ASP B 241 4.87 -11.42 4.62
CA ASP B 241 3.91 -12.44 4.87
C ASP B 241 3.25 -12.11 6.20
N LEU B 242 1.95 -11.97 6.11
CA LEU B 242 1.14 -11.46 7.17
C LEU B 242 0.91 -12.58 8.10
N THR B 243 0.79 -13.77 7.51
CA THR B 243 0.48 -14.95 8.28
C THR B 243 1.57 -15.24 9.30
N LYS B 244 2.64 -14.47 9.31
CA LYS B 244 3.73 -14.74 10.24
C LYS B 244 3.97 -13.55 11.16
N VAL B 245 3.15 -12.51 11.04
CA VAL B 245 3.18 -11.45 12.00
C VAL B 245 2.43 -12.01 13.24
N GLN B 246 3.12 -12.27 14.33
CA GLN B 246 2.51 -13.04 15.45
C GLN B 246 1.57 -12.25 16.32
N SER B 247 1.65 -10.95 16.15
CA SER B 247 0.91 -10.03 16.91
C SER B 247 -0.51 -9.84 16.33
N LEU B 248 -0.65 -9.99 15.03
CA LEU B 248 -1.94 -9.86 14.35
C LEU B 248 -3.12 -10.47 15.15
N PRO B 249 -3.10 -11.80 15.39
CA PRO B 249 -4.21 -12.34 16.22
C PRO B 249 -4.43 -11.50 17.46
N GLN B 250 -3.37 -11.17 18.16
CA GLN B 250 -3.52 -10.46 19.41
C GLN B 250 -4.22 -9.06 19.27
N ILE B 251 -3.76 -8.17 18.38
CA ILE B 251 -4.48 -6.96 17.97
C ILE B 251 -6.01 -7.09 17.91
N TYR B 252 -6.54 -8.08 17.19
CA TYR B 252 -7.96 -8.34 17.12
C TYR B 252 -8.53 -8.92 18.42
N GLU B 253 -7.89 -9.89 19.04
CA GLU B 253 -8.33 -10.37 20.29
C GLU B 253 -8.63 -9.17 21.26
N GLU B 254 -7.67 -8.27 21.35
CA GLU B 254 -7.66 -7.22 22.32
C GLU B 254 -8.66 -6.18 21.91
N PHE B 255 -8.70 -5.89 20.62
CA PHE B 255 -9.71 -5.01 20.05
C PHE B 255 -11.10 -5.46 20.42
N SER B 256 -11.41 -6.74 20.46
CA SER B 256 -12.78 -7.07 20.86
C SER B 256 -12.88 -7.25 22.34
N HIS B 257 -11.79 -7.30 23.07
CA HIS B 257 -11.94 -7.30 24.49
C HIS B 257 -12.59 -5.95 24.83
N THR B 258 -12.03 -4.89 24.27
CA THR B 258 -12.56 -3.56 24.46
C THR B 258 -14.02 -3.44 24.05
N ILE B 259 -14.36 -3.76 22.81
CA ILE B 259 -15.77 -3.66 22.48
C ILE B 259 -16.64 -4.39 23.50
N ASN B 260 -16.20 -5.52 23.99
CA ASN B 260 -17.00 -6.29 24.86
C ASN B 260 -17.29 -5.61 26.22
N ASN B 261 -16.35 -4.83 26.69
CA ASN B 261 -16.50 -4.05 27.86
C ASN B 261 -17.51 -2.93 27.69
N ALA B 262 -18.02 -2.69 26.49
CA ALA B 262 -18.99 -1.61 26.39
C ALA B 262 -20.17 -2.08 27.20
N ASP B 263 -20.45 -1.36 28.29
CA ASP B 263 -21.56 -1.69 29.20
C ASP B 263 -22.59 -0.57 29.38
N GLN B 264 -23.75 -0.80 28.80
CA GLN B 264 -24.77 0.21 28.84
C GLN B 264 -25.22 0.57 30.28
N GLN B 265 -25.31 -0.41 31.16
CA GLN B 265 -25.71 -0.12 32.49
C GLN B 265 -24.67 0.71 33.22
N LYS B 266 -23.42 0.27 33.26
CA LYS B 266 -22.39 1.14 33.77
C LYS B 266 -22.59 2.55 33.16
N ASP B 267 -22.69 2.64 31.85
CA ASP B 267 -22.76 3.98 31.27
C ASP B 267 -23.98 4.79 31.67
N LEU B 268 -25.13 4.14 31.61
CA LEU B 268 -26.33 4.83 32.00
C LEU B 268 -26.33 5.22 33.46
N LYS B 269 -25.85 4.35 34.34
CA LYS B 269 -25.95 4.66 35.74
C LYS B 269 -25.10 5.86 36.01
N TRP B 270 -23.95 5.92 35.36
CA TRP B 270 -23.04 6.99 35.53
C TRP B 270 -23.75 8.24 35.11
N TRP B 271 -24.63 8.13 34.13
CA TRP B 271 -25.21 9.34 33.53
C TRP B 271 -26.19 10.00 34.48
N SER B 272 -26.99 9.16 35.13
CA SER B 272 -27.87 9.54 36.15
C SER B 272 -27.09 10.14 37.27
N ASN B 273 -25.91 9.60 37.55
CA ASN B 273 -25.17 10.09 38.72
C ASN B 273 -24.74 11.48 38.54
N ASN B 274 -24.41 11.80 37.30
CA ASN B 274 -23.87 13.11 36.96
C ASN B 274 -24.81 14.03 36.33
N HIS B 275 -25.90 13.54 35.77
CA HIS B 275 -26.74 14.43 35.05
C HIS B 275 -28.17 14.24 35.26
N GLY B 276 -28.59 13.31 36.09
CA GLY B 276 -30.01 12.90 36.12
C GLY B 276 -30.44 12.65 37.51
N ILE B 277 -31.35 11.72 37.71
CA ILE B 277 -31.99 11.60 39.03
C ILE B 277 -31.13 11.21 40.21
N ASN B 278 -30.01 10.54 40.03
CA ASN B 278 -29.27 10.24 41.23
C ASN B 278 -28.34 11.38 41.63
N MSE B 279 -28.77 12.62 41.48
CA MSE B 279 -27.99 13.73 42.04
C MSE B 279 -28.71 14.29 43.26
O MSE B 279 -29.94 14.18 43.38
CB MSE B 279 -27.84 14.86 41.04
CG MSE B 279 -27.36 14.39 39.69
SE MSE B 279 -27.16 15.92 38.50
CE MSE B 279 -25.46 16.66 39.20
N ALA B 280 -27.95 14.92 44.15
CA ALA B 280 -28.54 15.50 45.31
C ALA B 280 -29.39 16.73 44.97
N MSE B 281 -30.46 16.98 45.70
CA MSE B 281 -31.14 18.23 45.66
C MSE B 281 -31.36 18.49 47.11
O MSE B 281 -31.79 17.60 47.83
CB MSE B 281 -32.48 18.10 45.02
CG MSE B 281 -33.28 19.37 44.94
SE MSE B 281 -32.44 20.65 44.09
CE MSE B 281 -33.87 21.52 43.57
N ASN B 282 -31.05 19.71 47.55
CA ASN B 282 -31.64 20.20 48.81
C ASN B 282 -32.91 20.94 48.40
N TRP B 283 -34.00 20.51 48.96
CA TRP B 283 -35.26 21.12 48.70
C TRP B 283 -35.34 22.48 49.41
N PRO B 284 -36.33 23.32 49.08
CA PRO B 284 -36.30 24.55 49.83
C PRO B 284 -36.65 24.39 51.30
N SER B 285 -35.90 25.09 52.15
CA SER B 285 -36.32 25.48 53.50
C SER B 285 -35.94 26.93 53.81
C1 GOL C . -3.65 6.16 1.08
O1 GOL C . -4.40 5.57 2.16
C2 GOL C . -2.12 6.09 1.28
O2 GOL C . -1.91 5.62 2.59
C3 GOL C . -1.46 5.19 0.20
O3 GOL C . -0.22 4.55 0.58
NA NA D . 12.53 -8.86 -18.92
NA NA E . 12.19 -25.76 -9.09
C1 GOL F . 27.30 5.60 -13.04
O1 GOL F . 27.26 6.68 -12.12
C2 GOL F . 28.51 4.77 -12.68
O2 GOL F . 28.79 4.90 -11.27
C3 GOL F . 29.59 5.38 -13.57
O3 GOL F . 29.66 4.76 -14.85
NA NA G . -16.32 12.26 24.85
#